data_5YVO
#
_entry.id   5YVO
#
_cell.length_a   56.744
_cell.length_b   56.744
_cell.length_c   139.356
_cell.angle_alpha   90.00
_cell.angle_beta   90.00
_cell.angle_gamma   120.00
#
_symmetry.space_group_name_H-M   'P 31 2 1'
#
loop_
_entity.id
_entity.type
_entity.pdbx_description
1 polymer 'Glutathione S-transferase omega-1'
2 non-polymer 'SULFATE ION'
3 non-polymer 'ACETATE ION'
4 non-polymer N-{3-[(2-chloro-acetyl)-(4-nitro-phenyl)-amino]-propyl}-2,2,2-trifluoro-acetamide
5 water water
#
_entity_poly.entity_id   1
_entity_poly.type   'polypeptide(L)'
_entity_poly.pdbx_seq_one_letter_code
;MSGESARSLGKGSAPPGPVPEGSIRIYSMRFCPFAERTRLVLKAKGIRHEVININLKNKPEWFFKKNPFGLVPVLENSQG
QLIYESAITCEYLDEAYPGKKLLPDDPYEKACQKMILELFSKVPSLVGSFIRSQNKEDYAGLKEEFRKEFTKLEEVLTNK
KTTFFGGNSISMIDYLIWPWFERLEAMKLNECVDHTPKLKLWMAAMKEDPTVSALLTSEKDWQGFLELYLQNSPEACDYG
L
;
_entity_poly.pdbx_strand_id   A
#
# COMPACT_ATOMS: atom_id res chain seq x y z
N GLY A 3 16.13 -15.90 1.10
CA GLY A 3 15.47 -14.72 0.45
C GLY A 3 14.94 -15.00 -0.94
N GLU A 4 15.48 -16.03 -1.59
CA GLU A 4 15.07 -16.38 -2.94
C GLU A 4 13.68 -17.00 -2.97
N SER A 5 13.23 -17.49 -1.82
CA SER A 5 11.88 -18.02 -1.71
C SER A 5 10.82 -16.95 -1.94
N ALA A 6 11.23 -15.68 -1.95
CA ALA A 6 10.32 -14.59 -2.25
C ALA A 6 10.19 -14.30 -3.75
N ARG A 7 10.92 -15.03 -4.57
CA ARG A 7 10.80 -14.89 -6.03
C ARG A 7 9.33 -15.06 -6.49
N SER A 8 8.92 -14.29 -7.49
CA SER A 8 7.53 -14.27 -7.87
C SER A 8 7.16 -15.52 -8.68
N LEU A 9 5.88 -15.86 -8.67
CA LEU A 9 5.34 -16.88 -9.57
C LEU A 9 4.78 -16.22 -10.81
N GLY A 10 5.17 -16.74 -11.98
CA GLY A 10 4.74 -16.19 -13.23
C GLY A 10 4.05 -17.20 -14.15
N LYS A 11 3.86 -16.80 -15.40
CA LYS A 11 3.30 -17.68 -16.42
C LYS A 11 4.04 -19.00 -16.45
N GLY A 12 3.29 -20.09 -16.48
CA GLY A 12 3.89 -21.41 -16.47
C GLY A 12 3.99 -22.03 -15.09
N SER A 13 3.89 -21.21 -14.03
CA SER A 13 4.00 -21.74 -12.68
C SER A 13 2.80 -22.62 -12.35
N ALA A 14 3.00 -23.55 -11.43
CA ALA A 14 1.89 -24.40 -11.02
C ALA A 14 1.00 -23.63 -10.06
N PRO A 15 -0.32 -23.82 -10.17
CA PRO A 15 -1.20 -23.26 -9.14
C PRO A 15 -0.84 -23.78 -7.75
N PRO A 16 -0.87 -22.90 -6.74
CA PRO A 16 -0.45 -23.33 -5.42
C PRO A 16 -1.46 -24.23 -4.73
N GLY A 17 -1.00 -24.93 -3.72
CA GLY A 17 -1.86 -25.78 -2.93
C GLY A 17 -2.63 -25.00 -1.88
N PRO A 18 -3.44 -25.70 -1.09
CA PRO A 18 -4.25 -25.05 -0.06
C PRO A 18 -3.45 -24.29 1.00
N VAL A 19 -4.08 -23.25 1.53
CA VAL A 19 -3.53 -22.50 2.65
C VAL A 19 -3.63 -23.33 3.93
N PRO A 20 -2.53 -23.44 4.68
CA PRO A 20 -2.60 -24.28 5.87
C PRO A 20 -3.45 -23.68 6.97
N GLU A 21 -4.14 -24.52 7.73
CA GLU A 21 -4.90 -24.04 8.89
C GLU A 21 -3.98 -23.26 9.84
N GLY A 22 -4.48 -22.13 10.33
CA GLY A 22 -3.69 -21.30 11.23
C GLY A 22 -2.94 -20.18 10.52
N SER A 23 -2.95 -20.20 9.19
CA SER A 23 -2.31 -19.17 8.39
C SER A 23 -3.30 -18.58 7.40
N ILE A 24 -3.05 -17.36 6.97
CA ILE A 24 -3.74 -16.79 5.82
C ILE A 24 -2.67 -16.46 4.78
N ARG A 25 -3.04 -16.59 3.51
CA ARG A 25 -2.11 -16.30 2.43
C ARG A 25 -2.42 -14.95 1.79
N ILE A 26 -1.39 -14.18 1.47
CA ILE A 26 -1.58 -13.02 0.64
C ILE A 26 -0.84 -13.19 -0.67
N TYR A 27 -1.56 -12.99 -1.77
CA TYR A 27 -0.94 -12.80 -3.06
C TYR A 27 -0.59 -11.34 -3.20
N SER A 28 0.70 -11.07 -3.45
CA SER A 28 1.25 -9.75 -3.31
C SER A 28 2.28 -9.47 -4.41
N MET A 29 2.94 -8.33 -4.30
CA MET A 29 4.16 -8.05 -5.08
C MET A 29 4.94 -7.04 -4.27
N ARG A 30 6.25 -7.24 -4.16
CA ARG A 30 7.04 -6.59 -3.12
C ARG A 30 7.05 -5.04 -3.23
N PHE A 31 6.82 -4.53 -4.44
CA PHE A 31 6.89 -3.11 -4.72
C PHE A 31 5.51 -2.50 -4.96
N CYS A 32 4.45 -3.26 -4.71
CA CYS A 32 3.09 -2.84 -5.00
C CYS A 32 2.47 -2.08 -3.80
N PRO A 33 2.15 -0.77 -3.96
CA PRO A 33 1.64 -0.06 -2.79
C PRO A 33 0.25 -0.52 -2.35
N PHE A 34 -0.58 -0.93 -3.29
CA PHE A 34 -1.89 -1.45 -2.91
C PHE A 34 -1.75 -2.66 -2.03
N ALA A 35 -0.80 -3.55 -2.34
CA ALA A 35 -0.64 -4.76 -1.55
C ALA A 35 0.09 -4.47 -0.25
N GLU A 36 0.92 -3.41 -0.24
CA GLU A 36 1.58 -2.99 1.01
C GLU A 36 0.56 -2.62 2.08
N ARG A 37 -0.60 -2.11 1.67
CA ARG A 37 -1.66 -1.81 2.62
C ARG A 37 -1.97 -3.05 3.44
N THR A 38 -2.23 -4.14 2.75
CA THR A 38 -2.61 -5.39 3.38
C THR A 38 -1.50 -5.96 4.22
N ARG A 39 -0.27 -5.87 3.72
CA ARG A 39 0.85 -6.37 4.49
C ARG A 39 1.09 -5.53 5.75
N LEU A 40 0.86 -4.23 5.68
CA LEU A 40 0.99 -3.40 6.88
C LEU A 40 -0.02 -3.85 7.93
N VAL A 41 -1.25 -4.15 7.49
CA VAL A 41 -2.29 -4.61 8.41
C VAL A 41 -1.98 -6.00 9.00
N LEU A 42 -1.53 -6.94 8.16
CA LEU A 42 -1.08 -8.23 8.63
C LEU A 42 0.00 -8.10 9.74
N LYS A 43 0.98 -7.23 9.51
CA LYS A 43 2.05 -7.04 10.47
C LYS A 43 1.56 -6.34 11.73
N ALA A 44 0.72 -5.31 11.56
CA ALA A 44 0.26 -4.53 12.70
C ALA A 44 -0.61 -5.36 13.64
N LYS A 45 -1.36 -6.31 13.07
CA LYS A 45 -2.23 -7.16 13.87
C LYS A 45 -1.58 -8.48 14.32
N GLY A 46 -0.35 -8.71 13.91
CA GLY A 46 0.37 -9.91 14.28
C GLY A 46 -0.25 -11.18 13.73
N ILE A 47 -0.71 -11.12 12.47
CA ILE A 47 -1.39 -12.25 11.86
C ILE A 47 -0.37 -13.14 11.15
N ARG A 48 -0.35 -14.41 11.52
CA ARG A 48 0.48 -15.41 10.85
C ARG A 48 0.01 -15.58 9.41
N HIS A 49 0.95 -15.46 8.48
CA HIS A 49 0.60 -15.48 7.06
C HIS A 49 1.75 -15.97 6.20
N GLU A 50 1.41 -16.40 4.98
CA GLU A 50 2.42 -16.69 3.98
C GLU A 50 2.19 -15.74 2.82
N VAL A 51 3.23 -15.57 2.00
CA VAL A 51 3.20 -14.61 0.89
C VAL A 51 3.52 -15.34 -0.42
N ILE A 52 2.69 -15.14 -1.42
CA ILE A 52 3.03 -15.51 -2.79
C ILE A 52 3.13 -14.23 -3.61
N ASN A 53 4.33 -13.94 -4.11
CA ASN A 53 4.49 -12.78 -4.97
C ASN A 53 4.13 -13.16 -6.39
N ILE A 54 3.37 -12.30 -7.07
CA ILE A 54 2.95 -12.56 -8.44
C ILE A 54 3.79 -11.67 -9.37
N ASN A 55 4.27 -12.24 -10.46
CA ASN A 55 4.91 -11.45 -11.52
C ASN A 55 3.83 -10.70 -12.32
N LEU A 56 3.64 -9.43 -12.00
CA LEU A 56 2.53 -8.67 -12.55
C LEU A 56 2.74 -8.31 -14.03
N LYS A 57 3.96 -8.48 -14.52
CA LYS A 57 4.25 -8.28 -15.94
C LYS A 57 4.20 -9.57 -16.74
N ASN A 58 3.99 -10.69 -16.06
CA ASN A 58 3.95 -11.99 -16.73
C ASN A 58 3.19 -12.95 -15.83
N LYS A 59 1.89 -12.72 -15.73
CA LYS A 59 1.06 -13.34 -14.69
C LYS A 59 0.80 -14.80 -14.98
N PRO A 60 0.70 -15.61 -13.92
CA PRO A 60 0.17 -16.97 -14.10
C PRO A 60 -1.28 -16.93 -14.55
N GLU A 61 -1.67 -17.79 -15.48
CA GLU A 61 -3.06 -17.83 -15.87
C GLU A 61 -3.96 -18.20 -14.68
N TRP A 62 -3.48 -19.09 -13.83
CA TRP A 62 -4.24 -19.50 -12.66
C TRP A 62 -4.53 -18.36 -11.69
N PHE A 63 -3.78 -17.26 -11.79
CA PHE A 63 -3.99 -16.17 -10.83
C PHE A 63 -5.33 -15.50 -11.07
N PHE A 64 -5.82 -15.55 -12.30
CA PHE A 64 -7.11 -15.01 -12.60
C PHE A 64 -8.24 -15.84 -11.95
N LYS A 65 -7.91 -17.03 -11.47
CA LYS A 65 -8.85 -17.81 -10.67
C LYS A 65 -8.90 -17.37 -9.21
N LYS A 66 -7.87 -16.65 -8.76
CA LYS A 66 -7.87 -16.07 -7.42
C LYS A 66 -8.55 -14.72 -7.41
N ASN A 67 -8.39 -13.99 -8.51
CA ASN A 67 -9.01 -12.68 -8.66
C ASN A 67 -9.24 -12.46 -10.17
N PRO A 68 -10.52 -12.37 -10.57
CA PRO A 68 -10.89 -12.12 -11.97
C PRO A 68 -10.21 -10.90 -12.56
N PHE A 69 -10.02 -9.87 -11.73
CA PHE A 69 -9.37 -8.62 -12.12
C PHE A 69 -7.87 -8.79 -12.37
N GLY A 70 -7.29 -9.84 -11.81
CA GLY A 70 -5.87 -10.13 -11.99
C GLY A 70 -4.98 -9.18 -11.22
N LEU A 71 -5.48 -8.63 -10.12
CA LEU A 71 -4.72 -7.64 -9.38
C LEU A 71 -4.33 -8.17 -8.01
N VAL A 72 -3.20 -7.75 -7.50
CA VAL A 72 -2.90 -7.93 -6.08
C VAL A 72 -3.24 -6.64 -5.32
N PRO A 73 -3.55 -6.75 -4.01
CA PRO A 73 -3.52 -7.95 -3.17
C PRO A 73 -4.76 -8.84 -3.28
N VAL A 74 -4.55 -10.14 -3.01
CA VAL A 74 -5.63 -11.08 -2.76
C VAL A 74 -5.30 -11.83 -1.47
N LEU A 75 -6.30 -12.03 -0.63
CA LEU A 75 -6.21 -12.94 0.50
C LEU A 75 -6.88 -14.27 0.17
N GLU A 76 -6.29 -15.35 0.65
CA GLU A 76 -6.94 -16.68 0.61
C GLU A 76 -6.73 -17.35 1.96
N ASN A 77 -7.79 -17.83 2.58
CA ASN A 77 -7.65 -18.46 3.89
C ASN A 77 -7.79 -19.97 3.79
N SER A 78 -7.64 -20.65 4.92
CA SER A 78 -7.63 -22.12 4.93
C SER A 78 -9.00 -22.70 4.57
N GLN A 79 -10.05 -21.91 4.73
CA GLN A 79 -11.38 -22.32 4.28
C GLN A 79 -11.55 -22.19 2.77
N GLY A 80 -10.58 -21.56 2.10
CA GLY A 80 -10.61 -21.40 0.66
C GLY A 80 -11.31 -20.15 0.16
N GLN A 81 -11.66 -19.26 1.09
CA GLN A 81 -12.31 -18.01 0.74
C GLN A 81 -11.29 -17.04 0.12
N LEU A 82 -11.73 -16.25 -0.84
CA LEU A 82 -10.87 -15.30 -1.54
C LEU A 82 -11.41 -13.88 -1.37
N ILE A 83 -10.52 -12.96 -1.00
CA ILE A 83 -10.89 -11.56 -0.78
C ILE A 83 -9.92 -10.70 -1.56
N TYR A 84 -10.44 -9.77 -2.35
CA TYR A 84 -9.57 -8.79 -2.99
C TYR A 84 -10.12 -7.38 -2.91
N GLU A 85 -9.39 -6.47 -3.56
CA GLU A 85 -9.41 -5.02 -3.29
CA GLU A 85 -9.42 -5.02 -3.30
C GLU A 85 -8.76 -4.66 -1.94
N SER A 86 -7.69 -3.87 -2.04
CA SER A 86 -6.87 -3.56 -0.90
C SER A 86 -7.65 -3.15 0.31
N ALA A 87 -8.57 -2.21 0.19
CA ALA A 87 -9.23 -1.72 1.38
C ALA A 87 -10.14 -2.80 1.96
N ILE A 88 -10.77 -3.56 1.07
CA ILE A 88 -11.59 -4.68 1.51
C ILE A 88 -10.77 -5.71 2.27
N THR A 89 -9.59 -6.07 1.76
CA THR A 89 -8.75 -7.05 2.46
C THR A 89 -8.36 -6.54 3.85
N CYS A 90 -8.04 -5.24 3.95
CA CYS A 90 -7.63 -4.65 5.22
C CYS A 90 -8.76 -4.64 6.26
N GLU A 91 -9.94 -4.26 5.81
CA GLU A 91 -11.08 -4.26 6.68
C GLU A 91 -11.45 -5.67 7.13
N TYR A 92 -11.37 -6.64 6.21
CA TYR A 92 -11.63 -8.02 6.55
C TYR A 92 -10.68 -8.49 7.64
N LEU A 93 -9.39 -8.18 7.47
CA LEU A 93 -8.39 -8.60 8.45
C LEU A 93 -8.63 -7.98 9.81
N ASP A 94 -9.06 -6.71 9.84
CA ASP A 94 -9.29 -6.07 11.12
C ASP A 94 -10.43 -6.71 11.89
N GLU A 95 -11.47 -7.12 11.16
CA GLU A 95 -12.69 -7.69 11.74
C GLU A 95 -12.50 -9.16 12.11
N ALA A 96 -11.75 -9.87 11.29
CA ALA A 96 -11.65 -11.31 11.42
C ALA A 96 -10.59 -11.78 12.39
N TYR A 97 -9.61 -10.96 12.71
CA TYR A 97 -8.54 -11.40 13.58
C TYR A 97 -8.51 -10.62 14.87
N PRO A 98 -7.92 -11.20 15.93
CA PRO A 98 -7.84 -10.52 17.22
C PRO A 98 -6.67 -9.53 17.27
N GLY A 99 -6.45 -8.93 18.44
CA GLY A 99 -5.34 -8.02 18.62
C GLY A 99 -5.79 -6.57 18.51
N LYS A 100 -4.86 -5.68 18.18
CA LYS A 100 -5.14 -4.25 18.10
C LYS A 100 -6.21 -4.01 17.04
N LYS A 101 -7.32 -3.35 17.39
CA LYS A 101 -8.30 -2.98 16.38
C LYS A 101 -7.83 -1.71 15.70
N LEU A 102 -7.63 -1.77 14.39
CA LEU A 102 -7.15 -0.63 13.63
C LEU A 102 -8.27 0.30 13.19
N LEU A 103 -9.50 -0.20 13.20
CA LEU A 103 -10.66 0.66 12.98
C LEU A 103 -11.40 0.89 14.29
N PRO A 104 -11.90 2.10 14.48
CA PRO A 104 -12.74 2.40 15.65
C PRO A 104 -13.99 1.54 15.67
N ASP A 105 -14.45 1.20 16.88
CA ASP A 105 -15.77 0.60 17.03
C ASP A 105 -16.88 1.63 16.79
N ASP A 106 -16.63 2.87 17.18
CA ASP A 106 -17.65 3.90 17.05
C ASP A 106 -18.02 4.13 15.58
N PRO A 107 -19.32 4.04 15.26
CA PRO A 107 -19.70 4.19 13.86
C PRO A 107 -19.28 5.52 13.24
N TYR A 108 -19.45 6.63 13.94
CA TYR A 108 -19.07 7.90 13.35
C TYR A 108 -17.55 7.97 13.13
N GLU A 109 -16.79 7.58 14.13
CA GLU A 109 -15.34 7.70 13.99
C GLU A 109 -14.80 6.77 12.91
N LYS A 110 -15.47 5.63 12.71
CA LYS A 110 -15.12 4.74 11.62
C LYS A 110 -15.46 5.38 10.26
N ALA A 111 -16.62 6.02 10.19
CA ALA A 111 -17.02 6.74 8.98
C ALA A 111 -16.04 7.87 8.70
N CYS A 112 -15.55 8.53 9.74
CA CYS A 112 -14.58 9.58 9.59
C CYS A 112 -13.30 9.09 8.94
N GLN A 113 -12.84 7.92 9.35
CA GLN A 113 -11.68 7.31 8.72
C GLN A 113 -11.95 7.10 7.25
N LYS A 114 -13.12 6.58 6.91
CA LYS A 114 -13.45 6.37 5.52
C LYS A 114 -13.52 7.68 4.73
N MET A 115 -14.04 8.75 5.35
CA MET A 115 -14.08 10.03 4.64
C MET A 115 -12.67 10.58 4.39
N ILE A 116 -11.76 10.34 5.31
CA ILE A 116 -10.38 10.74 5.07
C ILE A 116 -9.77 9.94 3.92
N LEU A 117 -10.11 8.67 3.82
CA LEU A 117 -9.68 7.88 2.69
C LEU A 117 -10.20 8.50 1.43
N GLU A 118 -11.45 8.94 1.42
CA GLU A 118 -11.99 9.60 0.23
C GLU A 118 -11.22 10.89 -0.13
N LEU A 119 -10.78 11.65 0.87
CA LEU A 119 -10.02 12.87 0.60
C LEU A 119 -8.68 12.52 -0.07
N PHE A 120 -8.19 11.32 0.19
CA PHE A 120 -6.91 10.86 -0.35
C PHE A 120 -7.06 10.25 -1.75
N SER A 121 -8.31 10.05 -2.17
CA SER A 121 -8.64 9.08 -3.23
C SER A 121 -8.07 9.42 -4.60
N LYS A 122 -7.67 10.66 -4.83
CA LYS A 122 -7.06 11.06 -6.12
C LYS A 122 -5.55 10.80 -6.19
N VAL A 123 -4.91 10.56 -5.05
CA VAL A 123 -3.47 10.53 -4.98
C VAL A 123 -2.85 9.33 -5.73
N PRO A 124 -3.42 8.12 -5.58
CA PRO A 124 -2.81 6.98 -6.28
C PRO A 124 -2.75 7.13 -7.81
N SER A 125 -3.78 7.70 -8.43
CA SER A 125 -3.76 7.91 -9.87
C SER A 125 -2.82 9.05 -10.27
N LEU A 126 -2.59 9.98 -9.35
CA LEU A 126 -1.61 11.05 -9.58
C LEU A 126 -0.19 10.49 -9.59
N VAL A 127 0.08 9.61 -8.64
CA VAL A 127 1.39 8.99 -8.56
C VAL A 127 1.65 8.22 -9.85
N GLY A 128 0.59 7.63 -10.39
CA GLY A 128 0.60 7.04 -11.72
C GLY A 128 1.06 8.00 -12.79
N SER A 129 0.37 9.13 -12.93
CA SER A 129 0.81 10.18 -13.85
C SER A 129 2.23 10.68 -13.61
N PHE A 130 2.61 10.76 -12.35
CA PHE A 130 3.91 11.27 -12.01
C PHE A 130 5.01 10.40 -12.56
N ILE A 131 4.94 9.10 -12.33
CA ILE A 131 5.97 8.25 -12.88
C ILE A 131 5.94 8.21 -14.40
N ARG A 132 4.83 8.63 -15.01
CA ARG A 132 4.78 8.86 -16.47
C ARG A 132 5.42 10.15 -16.94
N SER A 133 5.52 11.14 -16.05
CA SER A 133 5.93 12.54 -16.40
C SER A 133 7.23 12.58 -17.22
N GLN A 134 7.33 13.51 -18.16
CA GLN A 134 8.42 13.48 -19.15
C GLN A 134 9.42 14.63 -19.08
N ASN A 135 9.01 15.79 -18.56
CA ASN A 135 9.93 16.93 -18.45
C ASN A 135 9.59 17.84 -17.27
N LYS A 136 10.34 18.93 -17.18
CA LYS A 136 10.25 19.84 -16.03
C LYS A 136 8.93 20.58 -16.01
N GLU A 137 8.32 20.75 -17.19
CA GLU A 137 7.00 21.37 -17.27
C GLU A 137 5.90 20.45 -16.71
N ASP A 138 5.93 19.18 -17.12
CA ASP A 138 4.98 18.20 -16.58
C ASP A 138 5.15 18.10 -15.07
N TYR A 139 6.40 18.13 -14.64
CA TYR A 139 6.77 18.01 -13.23
C TYR A 139 6.20 19.17 -12.42
N ALA A 140 6.33 20.40 -12.94
CA ALA A 140 5.80 21.55 -12.21
C ALA A 140 4.29 21.40 -12.04
N GLY A 141 3.64 20.92 -13.09
CA GLY A 141 2.19 20.72 -13.09
C GLY A 141 1.77 19.65 -12.10
N LEU A 142 2.52 18.55 -12.06
CA LEU A 142 2.20 17.47 -11.15
C LEU A 142 2.38 17.89 -9.70
N LYS A 143 3.39 18.71 -9.43
CA LYS A 143 3.65 19.16 -8.06
C LYS A 143 2.48 19.96 -7.52
N GLU A 144 1.86 20.76 -8.38
CA GLU A 144 0.73 21.58 -7.96
C GLU A 144 -0.51 20.74 -7.73
N GLU A 145 -0.67 19.68 -8.52
CA GLU A 145 -1.76 18.73 -8.30
C GLU A 145 -1.62 18.00 -6.97
N PHE A 146 -0.40 17.56 -6.65
CA PHE A 146 -0.16 16.95 -5.36
C PHE A 146 -0.40 17.92 -4.21
N ARG A 147 0.04 19.17 -4.37
CA ARG A 147 -0.15 20.15 -3.30
C ARG A 147 -1.63 20.33 -2.98
N LYS A 148 -2.46 20.35 -4.02
CA LYS A 148 -3.89 20.55 -3.85
C LYS A 148 -4.49 19.39 -3.04
N GLU A 149 -4.09 18.17 -3.34
CA GLU A 149 -4.59 17.02 -2.61
C GLU A 149 -4.03 16.99 -1.20
N PHE A 150 -2.76 17.33 -1.05
CA PHE A 150 -2.14 17.33 0.28
C PHE A 150 -2.79 18.34 1.22
N THR A 151 -3.21 19.48 0.67
CA THR A 151 -3.87 20.51 1.47
C THR A 151 -5.15 19.97 2.11
N LYS A 152 -5.87 19.13 1.38
CA LYS A 152 -7.07 18.49 1.92
C LYS A 152 -6.72 17.69 3.17
N LEU A 153 -5.61 16.96 3.13
CA LEU A 153 -5.21 16.15 4.27
C LEU A 153 -4.69 17.00 5.39
N GLU A 154 -4.01 18.09 5.04
CA GLU A 154 -3.48 18.99 6.04
C GLU A 154 -4.61 19.59 6.86
N GLU A 155 -5.75 19.88 6.22
CA GLU A 155 -6.84 20.51 6.94
C GLU A 155 -7.38 19.58 8.01
N VAL A 156 -7.42 18.28 7.72
CA VAL A 156 -7.87 17.31 8.70
C VAL A 156 -6.97 17.34 9.94
N LEU A 157 -5.67 17.21 9.75
CA LEU A 157 -4.73 17.25 10.87
C LEU A 157 -4.79 18.57 11.65
N THR A 158 -5.06 19.66 10.94
CA THR A 158 -5.14 21.00 11.56
C THR A 158 -6.31 21.11 12.56
N ASN A 159 -7.46 20.57 12.20
CA ASN A 159 -8.59 20.55 13.13
C ASN A 159 -8.39 19.56 14.27
N LYS A 160 -7.89 18.37 13.95
CA LYS A 160 -7.82 17.31 14.94
C LYS A 160 -6.68 17.53 15.90
N LYS A 161 -5.61 18.12 15.40
CA LYS A 161 -4.35 18.28 16.14
C LYS A 161 -3.86 17.01 16.78
N THR A 162 -4.07 15.90 16.07
CA THR A 162 -3.58 14.60 16.49
C THR A 162 -2.36 14.19 15.67
N THR A 163 -1.58 13.29 16.23
CA THR A 163 -0.34 12.86 15.60
C THR A 163 -0.67 12.09 14.31
N PHE A 164 -1.76 11.34 14.33
CA PHE A 164 -2.15 10.52 13.19
C PHE A 164 -3.55 10.88 12.71
N PHE A 165 -3.94 10.36 11.56
CA PHE A 165 -5.19 10.77 10.94
C PHE A 165 -6.41 10.27 11.70
N GLY A 166 -6.24 9.25 12.52
CA GLY A 166 -7.35 8.70 13.28
C GLY A 166 -7.29 8.97 14.76
N GLY A 167 -6.32 9.78 15.20
CA GLY A 167 -6.09 9.97 16.62
C GLY A 167 -4.62 10.05 16.94
N ASN A 168 -4.25 9.89 18.21
CA ASN A 168 -2.84 9.91 18.62
C ASN A 168 -2.20 8.55 18.49
N SER A 169 -3.03 7.55 18.22
CA SER A 169 -2.54 6.21 17.95
C SER A 169 -2.66 5.96 16.44
N ILE A 170 -1.62 5.40 15.83
CA ILE A 170 -1.67 5.02 14.41
C ILE A 170 -2.81 4.02 14.21
N SER A 171 -3.53 4.12 13.09
CA SER A 171 -4.63 3.21 12.86
C SER A 171 -4.85 2.97 11.37
N MET A 172 -5.96 2.35 11.04
CA MET A 172 -6.18 1.89 9.67
C MET A 172 -5.91 2.97 8.62
N ILE A 173 -6.50 4.14 8.81
CA ILE A 173 -6.41 5.17 7.80
C ILE A 173 -4.95 5.50 7.49
N ASP A 174 -4.09 5.50 8.49
CA ASP A 174 -2.70 5.84 8.26
C ASP A 174 -2.02 4.82 7.37
N TYR A 175 -2.27 3.54 7.68
CA TYR A 175 -1.70 2.45 6.91
C TYR A 175 -2.24 2.44 5.47
N LEU A 176 -3.49 2.85 5.31
CA LEU A 176 -4.05 2.86 3.97
C LEU A 176 -3.40 3.92 3.08
N ILE A 177 -3.03 5.07 3.61
CA ILE A 177 -2.49 6.09 2.74
C ILE A 177 -0.97 6.09 2.69
N TRP A 178 -0.33 5.42 3.63
CA TRP A 178 1.14 5.48 3.77
C TRP A 178 1.94 5.08 2.52
N PRO A 179 1.55 3.99 1.83
CA PRO A 179 2.42 3.48 0.77
C PRO A 179 2.71 4.48 -0.35
N TRP A 180 1.78 5.39 -0.61
CA TRP A 180 2.02 6.40 -1.63
C TRP A 180 2.95 7.49 -1.11
N PHE A 181 2.88 7.79 0.18
CA PHE A 181 3.81 8.74 0.77
C PHE A 181 5.22 8.18 0.88
N GLU A 182 5.31 6.87 1.11
CA GLU A 182 6.59 6.17 1.09
C GLU A 182 7.32 6.40 -0.23
N ARG A 183 6.59 6.33 -1.33
CA ARG A 183 7.17 6.44 -2.65
C ARG A 183 7.46 7.89 -3.06
N LEU A 184 6.85 8.86 -2.39
CA LEU A 184 7.08 10.28 -2.67
C LEU A 184 8.55 10.65 -2.74
N GLU A 185 9.35 10.36 -1.72
CA GLU A 185 10.78 10.70 -1.82
C GLU A 185 11.40 10.34 -3.18
N ALA A 186 11.39 9.05 -3.44
CA ALA A 186 12.07 8.48 -4.58
C ALA A 186 11.49 9.06 -5.86
N MET A 187 10.26 9.53 -5.81
CA MET A 187 9.64 10.16 -6.95
CA MET A 187 9.63 10.17 -6.94
C MET A 187 10.04 11.64 -7.04
N LYS A 188 10.92 12.09 -6.16
CA LYS A 188 11.20 13.53 -6.00
C LYS A 188 9.93 14.36 -5.86
N LEU A 189 9.01 13.95 -5.00
CA LEU A 189 7.85 14.76 -4.74
C LEU A 189 7.85 15.20 -3.31
N ASN A 190 9.02 15.21 -2.69
CA ASN A 190 9.09 15.55 -1.28
C ASN A 190 8.93 17.05 -1.00
N GLU A 191 9.02 17.90 -2.03
CA GLU A 191 8.83 19.35 -1.87
C GLU A 191 7.36 19.75 -1.94
N CYS A 192 6.50 18.77 -2.12
CA CYS A 192 5.09 19.04 -2.16
C CYS A 192 4.54 19.14 -0.78
N VAL A 193 5.25 18.62 0.21
CA VAL A 193 4.72 18.69 1.54
C VAL A 193 5.25 19.86 2.31
N ASP A 194 6.00 20.73 1.65
CA ASP A 194 6.57 21.90 2.31
C ASP A 194 5.52 22.86 2.83
N HIS A 195 4.45 23.04 2.09
CA HIS A 195 3.41 23.97 2.51
C HIS A 195 2.37 23.27 3.37
N THR A 196 2.67 22.04 3.77
CA THR A 196 1.76 21.27 4.61
C THR A 196 2.53 20.71 5.78
N PRO A 197 2.78 21.53 6.79
CA PRO A 197 3.72 21.17 7.85
C PRO A 197 3.27 19.99 8.72
N LYS A 198 1.98 19.88 9.00
CA LYS A 198 1.52 18.79 9.86
C LYS A 198 1.63 17.45 9.13
N LEU A 199 1.36 17.46 7.83
CA LEU A 199 1.47 16.27 6.99
C LEU A 199 2.92 15.84 6.89
N LYS A 200 3.83 16.81 6.88
CA LYS A 200 5.25 16.53 6.87
C LYS A 200 5.70 15.87 8.17
N LEU A 201 5.21 16.37 9.29
CA LEU A 201 5.51 15.77 10.58
C LEU A 201 4.87 14.39 10.69
N TRP A 202 3.70 14.23 10.08
CA TRP A 202 3.02 12.94 10.03
C TRP A 202 3.87 11.89 9.31
N MET A 203 4.52 12.27 8.21
CA MET A 203 5.40 11.34 7.50
C MET A 203 6.56 10.88 8.39
N ALA A 204 7.08 11.81 9.20
CA ALA A 204 8.17 11.47 10.11
C ALA A 204 7.75 10.50 11.19
N ALA A 205 6.54 10.69 11.73
CA ALA A 205 5.98 9.81 12.75
C ALA A 205 5.72 8.44 12.17
N MET A 206 5.24 8.39 10.93
CA MET A 206 4.94 7.12 10.30
C MET A 206 6.22 6.29 10.16
N LYS A 207 7.30 6.93 9.77
CA LYS A 207 8.54 6.21 9.55
C LYS A 207 9.11 5.67 10.87
N GLU A 208 8.63 6.21 11.99
CA GLU A 208 9.05 5.74 13.32
C GLU A 208 8.21 4.57 13.81
N ASP A 209 7.11 4.28 13.13
CA ASP A 209 6.21 3.22 13.56
C ASP A 209 6.88 1.89 13.29
N PRO A 210 6.84 0.97 14.27
CA PRO A 210 7.50 -0.31 14.12
C PRO A 210 7.00 -1.10 12.91
N THR A 211 5.70 -1.11 12.66
CA THR A 211 5.14 -1.83 11.53
C THR A 211 5.60 -1.20 10.22
N VAL A 212 5.51 0.14 10.13
CA VAL A 212 5.92 0.83 8.92
C VAL A 212 7.40 0.57 8.64
N SER A 213 8.22 0.78 9.67
CA SER A 213 9.66 0.64 9.53
C SER A 213 10.07 -0.76 9.05
N ALA A 214 9.37 -1.77 9.55
CA ALA A 214 9.67 -3.17 9.23
C ALA A 214 9.44 -3.49 7.76
N LEU A 215 8.52 -2.75 7.12
CA LEU A 215 8.08 -3.02 5.76
C LEU A 215 8.63 -2.06 4.72
N LEU A 216 9.30 -1.01 5.17
CA LEU A 216 9.71 0.06 4.27
C LEU A 216 10.76 -0.43 3.29
N THR A 217 10.63 -0.04 2.02
CA THR A 217 11.61 -0.39 1.00
C THR A 217 12.57 0.79 0.79
N SER A 218 13.86 0.49 0.60
CA SER A 218 14.85 1.55 0.41
C SER A 218 14.58 2.31 -0.88
N GLU A 219 14.99 3.57 -0.92
CA GLU A 219 14.83 4.35 -2.14
C GLU A 219 15.49 3.66 -3.33
N LYS A 220 16.65 3.07 -3.09
CA LYS A 220 17.44 2.44 -4.16
C LYS A 220 16.72 1.22 -4.73
N ASP A 221 16.12 0.41 -3.86
CA ASP A 221 15.38 -0.76 -4.35
C ASP A 221 14.18 -0.32 -5.14
N TRP A 222 13.45 0.66 -4.62
CA TRP A 222 12.28 1.18 -5.32
C TRP A 222 12.65 1.71 -6.70
N GLN A 223 13.76 2.43 -6.79
CA GLN A 223 14.21 2.97 -8.07
C GLN A 223 14.54 1.87 -9.06
N GLY A 224 15.13 0.79 -8.56
CA GLY A 224 15.47 -0.36 -9.40
C GLY A 224 14.22 -0.98 -9.98
N PHE A 225 13.22 -1.18 -9.12
CA PHE A 225 11.97 -1.70 -9.58
C PHE A 225 11.36 -0.79 -10.64
N LEU A 226 11.33 0.51 -10.34
CA LEU A 226 10.57 1.45 -11.16
C LEU A 226 11.10 1.51 -12.60
N GLU A 227 12.42 1.48 -12.74
CA GLU A 227 13.03 1.52 -14.06
C GLU A 227 12.63 0.32 -14.90
N LEU A 228 12.54 -0.85 -14.26
CA LEU A 228 12.20 -2.08 -14.97
C LEU A 228 10.70 -2.08 -15.24
N TYR A 229 9.95 -1.57 -14.28
CA TYR A 229 8.50 -1.46 -14.43
C TYR A 229 8.15 -0.60 -15.63
N LEU A 230 8.83 0.54 -15.75
CA LEU A 230 8.60 1.45 -16.85
C LEU A 230 9.06 0.89 -18.20
N GLN A 231 9.88 -0.17 -18.17
CA GLN A 231 10.25 -0.90 -19.39
C GLN A 231 9.32 -2.06 -19.74
N ASN A 232 8.31 -2.30 -18.92
CA ASN A 232 7.50 -3.50 -19.03
C ASN A 232 8.36 -4.75 -18.93
N SER A 233 9.36 -4.71 -18.06
CA SER A 233 10.25 -5.85 -17.86
C SER A 233 9.58 -6.99 -17.08
N PRO A 234 9.69 -8.22 -17.60
CA PRO A 234 9.27 -9.34 -16.78
C PRO A 234 10.13 -9.57 -15.53
N GLU A 235 11.24 -8.85 -15.38
CA GLU A 235 12.09 -8.99 -14.21
C GLU A 235 11.84 -7.92 -13.12
N ALA A 236 10.94 -6.98 -13.38
CA ALA A 236 10.73 -5.85 -12.47
C ALA A 236 10.31 -6.28 -11.09
N CYS A 237 9.33 -7.18 -11.03
CA CYS A 237 8.78 -7.60 -9.73
C CYS A 237 9.80 -8.34 -8.86
N ASP A 238 10.80 -8.93 -9.49
CA ASP A 238 11.85 -9.65 -8.75
C ASP A 238 13.16 -8.87 -8.64
N TYR A 239 13.10 -7.56 -8.83
CA TYR A 239 14.30 -6.75 -8.69
C TYR A 239 15.00 -7.03 -7.36
N GLY A 240 16.31 -7.30 -7.41
CA GLY A 240 17.10 -7.50 -6.21
C GLY A 240 17.21 -8.96 -5.77
N LEU A 241 16.46 -9.85 -6.42
CA LEU A 241 16.54 -11.28 -6.12
C LEU A 241 17.27 -12.04 -7.24
#